data_4QSG
#
_entry.id   4QSG
#
_cell.length_a   81.920
_cell.length_b   81.920
_cell.length_c   87.600
_cell.angle_alpha   90.00
_cell.angle_beta   90.00
_cell.angle_gamma   120.00
#
_symmetry.space_group_name_H-M   'P 32 2 1'
#
loop_
_entity.id
_entity.type
_entity.pdbx_description
1 polymer 'Gas vesicle protein'
2 water water
#
_entity_poly.entity_id   1
_entity_poly.type   'polypeptide(L)'
_entity_poly.pdbx_seq_one_letter_code
;MGHHHHHHMMTVGLYLYGIFPEPIPDGLVLQGIDNEPVHSEMIDGFSFLYSAAHKEKYLASRRYLICHEKVLETVMEAGF
TTLLPLRFGLVIKTWESVTEQLITPYKTQLKELFAKLSGQREVSIKIFWDNQWELQAALESNPKLKQERDAMMGKNLNME
EIIHIGQLIEATVLRRKQDIIQVFRDQLNHRAQEVIESDPMTDDMIYNAAYLIPWEQEPEFSQNVEAIDQQFGDRLRIRY
NNLTAPYTFAQLI
;
_entity_poly.pdbx_strand_id   A
#
# COMPACT_ATOMS: atom_id res chain seq x y z
N THR A 11 22.82 -19.63 -11.63
CA THR A 11 23.51 -19.64 -12.96
C THR A 11 23.24 -18.37 -13.77
N VAL A 12 22.03 -18.28 -14.36
CA VAL A 12 21.61 -17.13 -15.18
C VAL A 12 21.51 -15.84 -14.35
N GLY A 13 21.16 -15.99 -13.08
CA GLY A 13 21.01 -14.87 -12.18
C GLY A 13 20.23 -15.27 -10.95
N LEU A 14 20.18 -14.38 -9.97
CA LEU A 14 19.48 -14.62 -8.72
C LEU A 14 18.31 -13.65 -8.59
N TYR A 15 17.13 -14.21 -8.37
CA TYR A 15 15.91 -13.42 -8.18
C TYR A 15 15.82 -12.98 -6.73
N LEU A 16 15.66 -11.67 -6.51
CA LEU A 16 15.61 -11.13 -5.14
C LEU A 16 14.19 -10.76 -4.72
N TYR A 17 13.78 -11.28 -3.57
CA TYR A 17 12.43 -11.06 -3.06
C TYR A 17 12.38 -9.94 -2.03
N GLY A 18 13.29 -9.99 -1.06
CA GLY A 18 13.29 -8.99 0.02
C GLY A 18 14.52 -9.10 0.90
N ILE A 19 14.66 -8.15 1.81
CA ILE A 19 15.78 -8.11 2.74
C ILE A 19 15.29 -8.23 4.19
N PHE A 20 15.96 -9.08 4.98
CA PHE A 20 15.57 -9.38 6.34
C PHE A 20 16.64 -9.02 7.36
N PRO A 21 16.23 -8.60 8.57
CA PRO A 21 17.18 -8.22 9.63
C PRO A 21 17.72 -9.40 10.41
N GLU A 22 17.22 -10.60 10.10
CA GLU A 22 17.57 -11.82 10.82
C GLU A 22 17.81 -12.98 9.84
N PRO A 23 18.61 -13.98 10.25
CA PRO A 23 18.81 -15.16 9.39
C PRO A 23 17.52 -15.94 9.17
N ILE A 24 17.31 -16.40 7.94
CA ILE A 24 16.21 -17.30 7.63
C ILE A 24 16.73 -18.74 7.62
N PRO A 25 16.14 -19.61 8.48
CA PRO A 25 16.56 -21.01 8.62
C PRO A 25 16.47 -21.79 7.31
N ASP A 26 17.26 -22.87 7.25
CA ASP A 26 17.47 -23.64 6.01
C ASP A 26 16.18 -24.18 5.40
N GLY A 27 15.24 -24.57 6.26
CA GLY A 27 13.92 -24.98 5.83
C GLY A 27 12.92 -24.95 6.97
N LEU A 28 11.83 -24.18 6.88
CA LEU A 28 11.44 -23.29 5.76
C LEU A 28 11.75 -23.73 4.31
N VAL A 29 11.05 -24.78 3.86
CA VAL A 29 11.08 -25.17 2.45
C VAL A 29 10.04 -24.35 1.69
N LEU A 30 10.45 -23.79 0.55
CA LEU A 30 9.60 -22.91 -0.22
C LEU A 30 10.02 -22.85 -1.68
N GLN A 31 9.05 -23.03 -2.58
CA GLN A 31 9.26 -22.84 -4.01
C GLN A 31 8.84 -21.42 -4.41
N GLY A 32 9.53 -20.86 -5.40
CA GLY A 32 9.27 -19.49 -5.84
C GLY A 32 9.14 -19.36 -7.35
N ILE A 33 9.61 -18.22 -7.85
CA ILE A 33 9.57 -17.90 -9.29
C ILE A 33 10.10 -19.07 -10.12
N ASP A 34 9.26 -19.56 -11.03
CA ASP A 34 9.56 -20.70 -11.90
C ASP A 34 9.88 -21.99 -11.12
N ASN A 35 9.19 -22.16 -10.00
CA ASN A 35 9.26 -23.37 -9.16
C ASN A 35 10.61 -23.62 -8.48
N GLU A 36 11.50 -22.63 -8.54
CA GLU A 36 12.83 -22.74 -7.93
C GLU A 36 12.77 -22.59 -6.41
N PRO A 37 13.59 -23.39 -5.67
CA PRO A 37 13.63 -23.28 -4.22
C PRO A 37 14.16 -21.91 -3.76
N VAL A 38 13.66 -21.44 -2.62
CA VAL A 38 13.98 -20.10 -2.13
C VAL A 38 14.98 -20.17 -0.97
N HIS A 39 16.08 -19.44 -1.10
CA HIS A 39 17.17 -19.49 -0.12
C HIS A 39 17.46 -18.14 0.46
N SER A 40 18.40 -18.11 1.41
CA SER A 40 18.78 -16.89 2.10
C SER A 40 20.30 -16.71 2.09
N GLU A 41 20.75 -15.47 1.88
CA GLU A 41 22.18 -15.16 1.83
C GLU A 41 22.51 -13.93 2.69
N MET A 42 23.52 -14.07 3.54
CA MET A 42 23.90 -13.02 4.49
C MET A 42 24.91 -12.04 3.91
N ILE A 43 24.55 -10.76 3.91
CA ILE A 43 25.45 -9.67 3.52
C ILE A 43 25.27 -8.54 4.54
N ASP A 44 26.33 -8.29 5.33
CA ASP A 44 26.34 -7.28 6.40
C ASP A 44 25.33 -7.54 7.52
N GLY A 45 25.06 -8.81 7.80
CA GLY A 45 24.06 -9.17 8.80
C GLY A 45 22.63 -9.01 8.34
N PHE A 46 22.46 -8.85 7.02
CA PHE A 46 21.14 -8.78 6.39
C PHE A 46 20.91 -9.99 5.48
N SER A 47 19.77 -10.64 5.63
CA SER A 47 19.43 -11.81 4.83
C SER A 47 18.68 -11.42 3.57
N PHE A 48 19.30 -11.71 2.41
CA PHE A 48 18.68 -11.46 1.11
C PHE A 48 17.94 -12.72 0.67
N LEU A 49 16.62 -12.67 0.70
CA LEU A 49 15.79 -13.79 0.27
C LEU A 49 15.82 -13.86 -1.25
N TYR A 50 16.21 -15.02 -1.78
CA TYR A 50 16.42 -15.16 -3.21
C TYR A 50 16.09 -16.55 -3.74
N SER A 51 16.03 -16.66 -5.06
CA SER A 51 15.94 -17.93 -5.77
C SER A 51 16.64 -17.78 -7.11
N ALA A 52 17.02 -18.90 -7.75
CA ALA A 52 17.73 -18.87 -9.02
C ALA A 52 16.79 -18.49 -10.17
N ALA A 53 17.17 -17.47 -10.93
CA ALA A 53 16.36 -16.97 -12.03
C ALA A 53 16.55 -17.78 -13.29
N HIS A 54 15.51 -17.85 -14.12
CA HIS A 54 15.60 -18.48 -15.44
C HIS A 54 15.67 -17.47 -16.54
N LYS A 55 15.35 -16.21 -16.20
CA LYS A 55 15.42 -15.09 -17.13
C LYS A 55 16.17 -13.94 -16.49
N GLU A 56 16.80 -13.10 -17.31
CA GLU A 56 17.46 -11.89 -16.82
C GLU A 56 16.43 -10.79 -16.61
N LYS A 57 15.37 -10.86 -17.41
CA LYS A 57 14.30 -9.88 -17.39
C LYS A 57 12.95 -10.60 -17.31
N TYR A 58 12.28 -10.41 -16.18
CA TYR A 58 10.94 -10.96 -15.97
C TYR A 58 9.88 -9.89 -16.22
N LEU A 59 8.85 -10.26 -16.98
CA LEU A 59 7.73 -9.36 -17.22
C LEU A 59 6.71 -9.49 -16.11
N ALA A 60 6.12 -8.36 -15.72
CA ALA A 60 5.17 -8.30 -14.61
C ALA A 60 3.79 -8.81 -14.99
N SER A 61 3.68 -10.12 -15.20
CA SER A 61 2.39 -10.77 -15.48
C SER A 61 1.69 -11.06 -14.16
N ARG A 62 0.36 -11.16 -14.20
CA ARG A 62 -0.43 -11.42 -13.00
C ARG A 62 0.06 -12.63 -12.21
N ARG A 63 0.35 -13.73 -12.92
CA ARG A 63 0.82 -14.95 -12.27
C ARG A 63 2.12 -14.71 -11.51
N TYR A 64 3.09 -14.10 -12.20
CA TYR A 64 4.41 -13.85 -11.61
C TYR A 64 4.36 -12.90 -10.41
N LEU A 65 3.50 -11.89 -10.49
CA LEU A 65 3.29 -10.96 -9.37
C LEU A 65 2.72 -11.69 -8.15
N ILE A 66 1.72 -12.54 -8.38
CA ILE A 66 1.10 -13.33 -7.32
C ILE A 66 2.13 -14.26 -6.67
N CYS A 67 2.95 -14.92 -7.50
CA CYS A 67 3.99 -15.82 -7.02
C CYS A 67 5.00 -15.09 -6.11
N HIS A 68 5.40 -13.89 -6.52
CA HIS A 68 6.34 -13.06 -5.76
C HIS A 68 5.80 -12.73 -4.40
N GLU A 69 4.53 -12.33 -4.36
CA GLU A 69 3.85 -11.93 -3.13
C GLU A 69 3.62 -13.14 -2.22
N LYS A 70 3.31 -14.29 -2.82
CA LYS A 70 3.09 -15.52 -2.06
C LYS A 70 4.36 -15.99 -1.33
N VAL A 71 5.50 -15.85 -2.00
CA VAL A 71 6.81 -16.15 -1.41
C VAL A 71 7.01 -15.34 -0.13
N LEU A 72 6.79 -14.03 -0.23
CA LEU A 72 6.91 -13.12 0.90
C LEU A 72 5.92 -13.41 2.03
N GLU A 73 4.68 -13.74 1.67
CA GLU A 73 3.64 -14.00 2.66
C GLU A 73 3.84 -15.34 3.40
N THR A 74 4.38 -16.33 2.68
CA THR A 74 4.66 -17.65 3.25
C THR A 74 5.78 -17.53 4.29
N VAL A 75 6.75 -16.67 4.02
CA VAL A 75 7.85 -16.41 4.94
C VAL A 75 7.35 -15.58 6.14
N MET A 76 6.45 -14.65 5.88
CA MET A 76 5.84 -13.82 6.93
C MET A 76 5.01 -14.66 7.89
N GLU A 77 4.21 -15.59 7.35
CA GLU A 77 3.39 -16.48 8.16
C GLU A 77 4.25 -17.54 8.89
N ALA A 78 5.49 -17.71 8.44
CA ALA A 78 6.43 -18.58 9.13
C ALA A 78 7.09 -17.87 10.33
N GLY A 79 6.74 -16.60 10.52
CA GLY A 79 7.21 -15.83 11.65
C GLY A 79 8.12 -14.66 11.31
N PHE A 80 8.65 -14.67 10.09
CA PHE A 80 9.62 -13.66 9.67
C PHE A 80 8.91 -12.47 9.07
N THR A 81 8.50 -11.59 9.98
CA THR A 81 7.52 -10.54 9.75
C THR A 81 8.17 -9.19 9.42
N THR A 82 9.41 -9.02 9.83
CA THR A 82 10.14 -7.78 9.58
C THR A 82 10.98 -7.91 8.31
N LEU A 83 10.72 -7.03 7.35
CA LEU A 83 11.38 -7.10 6.04
C LEU A 83 11.23 -5.82 5.23
N LEU A 84 12.21 -5.59 4.35
CA LEU A 84 12.11 -4.61 3.29
C LEU A 84 11.79 -5.40 2.03
N PRO A 85 10.51 -5.44 1.62
CA PRO A 85 10.18 -6.18 0.40
C PRO A 85 10.67 -5.45 -0.84
N LEU A 86 11.29 -6.19 -1.75
CA LEU A 86 11.75 -5.62 -3.01
C LEU A 86 10.67 -5.71 -4.07
N ARG A 87 10.53 -4.64 -4.86
CA ARG A 87 9.57 -4.59 -5.96
C ARG A 87 9.92 -5.63 -7.02
N PHE A 88 8.91 -6.03 -7.79
CA PHE A 88 8.98 -7.20 -8.67
C PHE A 88 10.09 -7.16 -9.73
N GLY A 89 10.65 -8.34 -10.00
CA GLY A 89 11.47 -8.56 -11.20
C GLY A 89 12.92 -8.13 -11.08
N LEU A 90 13.43 -8.08 -9.86
CA LEU A 90 14.82 -7.74 -9.62
C LEU A 90 15.69 -8.99 -9.69
N VAL A 91 16.47 -9.08 -10.75
CA VAL A 91 17.38 -10.20 -10.98
C VAL A 91 18.81 -9.67 -11.05
N ILE A 92 19.66 -10.16 -10.15
CA ILE A 92 21.09 -9.85 -10.22
C ILE A 92 21.83 -11.05 -10.80
N LYS A 93 22.93 -10.79 -11.49
CA LYS A 93 23.73 -11.86 -12.10
C LYS A 93 24.54 -12.64 -11.07
N THR A 94 25.28 -11.94 -10.22
CA THR A 94 25.98 -12.53 -9.08
C THR A 94 25.87 -11.61 -7.86
N TRP A 95 26.40 -12.07 -6.73
CA TRP A 95 26.38 -11.30 -5.48
C TRP A 95 27.32 -10.12 -5.50
N GLU A 96 28.04 -9.96 -6.60
CA GLU A 96 28.96 -8.86 -6.79
C GLU A 96 28.22 -7.54 -7.05
N SER A 97 26.95 -7.66 -7.42
CA SER A 97 26.06 -6.52 -7.61
C SER A 97 25.63 -5.96 -6.26
N VAL A 98 25.60 -6.83 -5.26
CA VAL A 98 25.22 -6.46 -3.89
C VAL A 98 26.37 -6.79 -2.94
N THR A 99 27.47 -6.04 -3.09
CA THR A 99 28.67 -6.27 -2.29
C THR A 99 28.53 -5.66 -0.91
N GLU A 100 29.42 -6.07 0.00
CA GLU A 100 29.53 -5.47 1.33
C GLU A 100 29.86 -3.98 1.21
N GLN A 101 30.63 -3.62 0.19
CA GLN A 101 31.02 -2.23 -0.08
C GLN A 101 29.81 -1.33 -0.42
N LEU A 102 28.85 -1.88 -1.15
CA LEU A 102 27.65 -1.14 -1.53
C LEU A 102 26.68 -0.95 -0.36
N ILE A 103 26.62 -1.95 0.53
CA ILE A 103 25.66 -1.97 1.64
C ILE A 103 26.14 -1.21 2.89
N THR A 104 27.45 -1.18 3.12
CA THR A 104 28.03 -0.52 4.30
C THR A 104 27.63 0.95 4.55
N PRO A 105 27.49 1.77 3.48
CA PRO A 105 27.01 3.14 3.72
C PRO A 105 25.55 3.19 4.17
N TYR A 106 24.72 2.31 3.62
CA TYR A 106 23.29 2.29 3.92
C TYR A 106 22.96 1.35 5.10
N LYS A 107 23.99 0.81 5.73
CA LYS A 107 23.85 -0.11 6.85
C LYS A 107 23.06 0.51 8.00
N THR A 108 23.36 1.77 8.32
CA THR A 108 22.73 2.49 9.41
C THR A 108 21.25 2.75 9.14
N GLN A 109 20.94 3.23 7.93
CA GLN A 109 19.57 3.47 7.49
C GLN A 109 18.72 2.20 7.53
N LEU A 110 19.35 1.07 7.20
CA LEU A 110 18.67 -0.22 7.21
C LEU A 110 18.38 -0.71 8.62
N LYS A 111 19.39 -0.66 9.49
CA LYS A 111 19.23 -1.01 10.91
C LYS A 111 18.11 -0.18 11.53
N GLU A 112 18.01 1.07 11.10
CA GLU A 112 17.02 2.01 11.62
C GLU A 112 15.61 1.66 11.10
N LEU A 113 15.50 1.28 9.85
CA LEU A 113 14.23 0.93 9.29
C LEU A 113 13.69 -0.31 9.91
N PHE A 114 14.52 -1.29 10.09
CA PHE A 114 14.09 -2.55 10.71
C PHE A 114 13.73 -2.41 12.19
N ALA A 115 14.31 -1.40 12.85
CA ALA A 115 14.01 -1.12 14.25
C ALA A 115 12.59 -0.61 14.43
N LYS A 116 12.16 0.30 13.56
CA LYS A 116 10.80 0.81 13.59
C LYS A 116 9.79 -0.17 12.98
N LEU A 117 10.29 -1.14 12.22
CA LEU A 117 9.43 -2.14 11.59
C LEU A 117 9.20 -3.37 12.43
N SER A 118 10.17 -3.72 13.28
CA SER A 118 10.10 -5.00 14.01
C SER A 118 8.87 -5.10 14.89
N GLY A 119 8.16 -6.22 14.77
CA GLY A 119 6.93 -6.45 15.50
C GLY A 119 5.72 -5.79 14.84
N GLN A 120 5.97 -4.92 13.88
CA GLN A 120 4.91 -4.15 13.22
C GLN A 120 4.39 -4.83 11.95
N ARG A 121 3.28 -4.32 11.44
CA ARG A 121 2.52 -4.97 10.38
C ARG A 121 1.80 -3.92 9.56
N GLU A 122 1.84 -4.07 8.23
CA GLU A 122 1.13 -3.16 7.34
C GLU A 122 -0.25 -3.70 6.97
N VAL A 123 -1.26 -2.90 7.27
CA VAL A 123 -2.62 -3.16 6.80
C VAL A 123 -3.05 -1.93 6.00
N SER A 124 -3.91 -2.13 5.02
CA SER A 124 -4.38 -1.02 4.20
C SER A 124 -5.89 -1.05 3.98
N ILE A 125 -6.47 0.13 3.79
CA ILE A 125 -7.89 0.28 3.51
C ILE A 125 -8.09 1.15 2.28
N LYS A 126 -8.99 0.71 1.40
CA LYS A 126 -9.45 1.51 0.28
C LYS A 126 -10.96 1.70 0.34
N ILE A 127 -11.43 2.89 0.03
CA ILE A 127 -12.84 3.13 0.06
C ILE A 127 -13.35 3.56 -1.28
N PHE A 128 -14.47 2.99 -1.67
CA PHE A 128 -15.14 3.27 -2.94
C PHE A 128 -16.58 3.72 -2.67
N TRP A 129 -17.15 4.46 -3.63
CA TRP A 129 -18.54 4.88 -3.56
C TRP A 129 -19.07 5.12 -4.95
N ASP A 130 -20.35 5.46 -5.07
CA ASP A 130 -20.90 5.83 -6.37
C ASP A 130 -20.68 7.32 -6.61
N ASN A 131 -19.74 7.63 -7.49
CA ASN A 131 -19.32 9.02 -7.73
C ASN A 131 -20.43 9.89 -8.32
N GLN A 132 -21.12 9.37 -9.33
CA GLN A 132 -22.21 10.07 -10.01
C GLN A 132 -23.36 10.38 -9.04
N TRP A 133 -23.67 9.42 -8.18
CA TRP A 133 -24.73 9.58 -7.17
C TRP A 133 -24.36 10.60 -6.14
N GLU A 134 -23.10 10.57 -5.70
CA GLU A 134 -22.63 11.47 -4.66
C GLU A 134 -22.37 12.88 -5.19
N LEU A 135 -22.07 12.97 -6.48
CA LEU A 135 -21.94 14.26 -7.16
C LEU A 135 -23.29 14.95 -7.31
N GLN A 136 -24.29 14.19 -7.77
CA GLN A 136 -25.64 14.70 -7.96
C GLN A 136 -26.36 15.02 -6.64
N ALA A 137 -25.98 14.31 -5.58
CA ALA A 137 -26.52 14.56 -4.25
C ALA A 137 -25.95 15.85 -3.65
N ALA A 138 -24.68 16.11 -3.94
CA ALA A 138 -23.99 17.32 -3.45
C ALA A 138 -24.48 18.58 -4.16
N LEU A 139 -24.89 18.43 -5.42
CA LEU A 139 -25.37 19.55 -6.22
C LEU A 139 -26.79 19.97 -5.84
N GLU A 140 -27.56 19.05 -5.28
CA GLU A 140 -28.92 19.34 -4.82
C GLU A 140 -28.96 19.73 -3.34
N SER A 141 -27.82 19.66 -2.66
CA SER A 141 -27.68 20.16 -1.30
C SER A 141 -27.24 21.62 -1.30
N ASN A 142 -26.83 22.10 -2.47
CA ASN A 142 -26.43 23.50 -2.68
C ASN A 142 -27.17 24.12 -3.87
N PRO A 143 -28.22 24.92 -3.59
CA PRO A 143 -28.98 25.58 -4.66
C PRO A 143 -28.21 26.72 -5.33
N LYS A 144 -27.31 27.37 -4.59
CA LYS A 144 -26.49 28.47 -5.09
C LYS A 144 -25.65 28.08 -6.31
N LEU A 145 -24.99 26.93 -6.23
CA LEU A 145 -24.03 26.49 -7.26
C LEU A 145 -24.71 26.02 -8.55
N LYS A 146 -25.91 25.47 -8.42
CA LYS A 146 -26.67 24.96 -9.56
C LYS A 146 -27.22 26.11 -10.41
N GLN A 147 -27.55 27.23 -9.76
CA GLN A 147 -28.02 28.43 -10.44
C GLN A 147 -26.89 29.18 -11.14
N GLU A 148 -25.71 29.19 -10.52
CA GLU A 148 -24.53 29.82 -11.10
C GLU A 148 -23.98 29.02 -12.29
N ARG A 149 -24.06 27.69 -12.18
CA ARG A 149 -23.58 26.79 -13.23
C ARG A 149 -24.45 26.88 -14.50
N ASP A 150 -25.75 27.04 -14.32
CA ASP A 150 -26.69 27.14 -15.44
C ASP A 150 -26.69 28.54 -16.07
N ALA A 151 -26.30 29.54 -15.29
CA ALA A 151 -26.28 30.92 -15.76
C ALA A 151 -24.86 31.44 -16.05
N MET A 152 -23.87 30.54 -15.99
CA MET A 152 -22.48 30.90 -16.30
C MET A 152 -22.27 31.20 -17.78
N MET A 153 -23.18 30.69 -18.61
CA MET A 153 -23.24 31.08 -20.02
C MET A 153 -24.18 32.27 -20.14
N GLY A 154 -23.68 33.34 -20.75
CA GLY A 154 -24.40 34.61 -20.80
C GLY A 154 -23.61 35.69 -20.09
N LYS A 155 -22.82 35.26 -19.12
CA LYS A 155 -21.95 36.16 -18.35
C LYS A 155 -20.57 36.28 -19.01
N ASN A 156 -20.32 35.43 -20.00
CA ASN A 156 -19.04 35.37 -20.72
C ASN A 156 -17.82 35.49 -19.80
N LEU A 157 -17.51 34.40 -19.12
CA LEU A 157 -16.48 34.39 -18.08
C LEU A 157 -15.10 34.10 -18.65
N ASN A 158 -14.07 34.65 -18.01
CA ASN A 158 -12.70 34.25 -18.31
C ASN A 158 -12.43 32.85 -17.72
N MET A 159 -11.35 32.22 -18.14
CA MET A 159 -11.06 30.83 -17.77
C MET A 159 -10.89 30.61 -16.27
N GLU A 160 -10.42 31.65 -15.56
CA GLU A 160 -10.24 31.59 -14.11
C GLU A 160 -11.58 31.47 -13.38
N GLU A 161 -12.54 32.29 -13.77
CA GLU A 161 -13.88 32.27 -13.18
C GLU A 161 -14.61 30.95 -13.46
N ILE A 162 -14.40 30.40 -14.66
CA ILE A 162 -14.96 29.10 -15.03
C ILE A 162 -14.42 28.01 -14.10
N ILE A 163 -13.10 27.97 -13.93
CA ILE A 163 -12.46 26.97 -13.08
C ILE A 163 -12.83 27.15 -11.61
N HIS A 164 -13.00 28.40 -11.18
CA HIS A 164 -13.43 28.73 -9.82
C HIS A 164 -14.78 28.16 -9.48
N ILE A 165 -15.68 28.15 -10.45
CA ILE A 165 -17.00 27.52 -10.31
C ILE A 165 -16.85 26.01 -10.16
N GLY A 166 -16.00 25.41 -10.98
CA GLY A 166 -15.67 23.98 -10.87
C GLY A 166 -15.01 23.65 -9.53
N GLN A 167 -14.26 24.61 -9.00
CA GLN A 167 -13.61 24.48 -7.69
C GLN A 167 -14.61 24.49 -6.55
N LEU A 168 -15.73 25.18 -6.75
CA LEU A 168 -16.80 25.26 -5.77
C LEU A 168 -17.71 24.04 -5.82
N ILE A 169 -17.83 23.45 -7.01
CA ILE A 169 -18.60 22.22 -7.21
C ILE A 169 -17.92 21.03 -6.51
N GLU A 170 -16.59 20.97 -6.60
CA GLU A 170 -15.83 19.89 -5.98
C GLU A 170 -15.68 20.04 -4.47
N ALA A 171 -15.74 21.28 -3.98
CA ALA A 171 -15.53 21.58 -2.56
C ALA A 171 -16.63 21.03 -1.65
N THR A 172 -17.84 20.91 -2.19
CA THR A 172 -18.96 20.31 -1.45
C THR A 172 -18.87 18.78 -1.47
N VAL A 173 -18.27 18.24 -2.53
CA VAL A 173 -18.00 16.81 -2.64
C VAL A 173 -16.83 16.45 -1.72
N LEU A 174 -15.87 17.37 -1.62
CA LEU A 174 -14.71 17.22 -0.73
C LEU A 174 -15.12 17.07 0.74
N ARG A 175 -16.16 17.80 1.14
CA ARG A 175 -16.67 17.74 2.51
C ARG A 175 -17.43 16.46 2.79
N ARG A 176 -18.08 15.91 1.76
CA ARG A 176 -18.77 14.62 1.87
C ARG A 176 -17.78 13.49 2.10
N LYS A 177 -16.61 13.60 1.48
CA LYS A 177 -15.52 12.65 1.67
C LYS A 177 -14.90 12.82 3.06
N GLN A 178 -14.70 14.08 3.47
CA GLN A 178 -14.11 14.40 4.76
C GLN A 178 -14.97 13.97 5.95
N ASP A 179 -16.27 13.85 5.73
CA ASP A 179 -17.20 13.36 6.74
C ASP A 179 -17.05 11.85 6.92
N ILE A 180 -16.83 11.16 5.80
CA ILE A 180 -16.61 9.72 5.80
C ILE A 180 -15.21 9.38 6.31
N ILE A 181 -14.21 10.05 5.75
CA ILE A 181 -12.80 9.82 6.07
C ILE A 181 -12.45 10.10 7.53
N GLN A 182 -13.14 11.07 8.13
CA GLN A 182 -12.86 11.47 9.51
C GLN A 182 -13.28 10.41 10.53
N VAL A 183 -14.31 9.63 10.19
CA VAL A 183 -14.76 8.52 11.04
C VAL A 183 -13.65 7.47 11.14
N PHE A 184 -12.97 7.23 10.03
CA PHE A 184 -11.84 6.31 9.97
C PHE A 184 -10.63 6.80 10.77
N ARG A 185 -10.34 8.10 10.67
CA ARG A 185 -9.21 8.70 11.38
C ARG A 185 -9.41 8.67 12.89
N ASP A 186 -10.64 8.92 13.33
CA ASP A 186 -11.00 8.94 14.75
C ASP A 186 -10.87 7.57 15.40
N GLN A 187 -11.20 6.52 14.64
CA GLN A 187 -11.32 5.17 15.19
C GLN A 187 -10.11 4.26 14.94
N LEU A 188 -9.29 4.59 13.95
CA LEU A 188 -8.23 3.69 13.50
C LEU A 188 -6.80 4.22 13.61
N ASN A 189 -6.62 5.54 13.46
CA ASN A 189 -5.29 6.15 13.53
C ASN A 189 -4.58 5.96 14.87
N HIS A 190 -5.36 5.99 15.95
CA HIS A 190 -4.82 5.83 17.31
C HIS A 190 -4.31 4.43 17.58
N ARG A 191 -4.80 3.46 16.81
CA ARG A 191 -4.34 2.07 16.90
C ARG A 191 -3.01 1.87 16.17
N ALA A 192 -2.64 2.85 15.34
CA ALA A 192 -1.48 2.76 14.47
C ALA A 192 -0.30 3.61 14.94
N GLN A 193 0.89 3.17 14.58
CA GLN A 193 2.15 3.87 14.86
C GLN A 193 2.36 4.98 13.82
N GLU A 194 1.96 4.70 12.58
CA GLU A 194 2.06 5.63 11.47
C GLU A 194 0.97 5.35 10.44
N VAL A 195 0.33 6.41 9.95
CA VAL A 195 -0.67 6.28 8.90
C VAL A 195 -0.25 7.10 7.68
N ILE A 196 -0.11 6.43 6.53
CA ILE A 196 0.18 7.11 5.27
C ILE A 196 -1.05 7.08 4.38
N GLU A 197 -1.39 8.25 3.82
CA GLU A 197 -2.51 8.37 2.90
C GLU A 197 -2.01 8.73 1.50
N SER A 198 -2.47 7.97 0.51
CA SER A 198 -2.05 8.17 -0.88
C SER A 198 -3.20 8.70 -1.74
N ASP A 199 -2.88 9.07 -2.97
CA ASP A 199 -3.88 9.51 -3.94
C ASP A 199 -4.76 8.35 -4.38
N PRO A 200 -6.09 8.57 -4.44
CA PRO A 200 -7.03 7.61 -5.02
C PRO A 200 -6.64 7.22 -6.45
N MET A 201 -6.65 5.92 -6.73
CA MET A 201 -6.20 5.39 -8.01
C MET A 201 -7.28 5.37 -9.11
N THR A 202 -8.55 5.35 -8.71
CA THR A 202 -9.66 5.32 -9.66
C THR A 202 -10.72 6.38 -9.37
N ASP A 203 -11.69 6.53 -10.25
CA ASP A 203 -12.67 7.60 -10.14
C ASP A 203 -13.68 7.41 -9.03
N ASP A 204 -13.92 6.17 -8.66
CA ASP A 204 -14.82 5.85 -7.55
C ASP A 204 -14.10 5.77 -6.20
N MET A 205 -12.77 5.63 -6.24
CA MET A 205 -11.95 5.57 -5.02
C MET A 205 -11.81 6.96 -4.41
N ILE A 206 -12.05 7.05 -3.10
CA ILE A 206 -11.99 8.32 -2.37
C ILE A 206 -11.00 8.32 -1.22
N TYR A 207 -10.42 7.15 -0.94
CA TYR A 207 -9.49 6.98 0.17
C TYR A 207 -8.59 5.78 -0.04
N ASN A 208 -7.29 5.97 0.21
CA ASN A 208 -6.28 4.95 0.02
C ASN A 208 -5.22 5.12 1.09
N ALA A 209 -5.43 4.46 2.22
CA ALA A 209 -4.56 4.62 3.39
C ALA A 209 -3.91 3.31 3.81
N ALA A 210 -2.70 3.43 4.35
CA ALA A 210 -1.96 2.28 4.89
C ALA A 210 -1.61 2.54 6.35
N TYR A 211 -1.58 1.49 7.15
CA TYR A 211 -1.38 1.60 8.60
C TYR A 211 -0.26 0.70 9.07
N LEU A 212 0.58 1.22 9.95
CA LEU A 212 1.63 0.43 10.57
C LEU A 212 1.23 0.11 12.01
N ILE A 213 0.73 -1.10 12.20
CA ILE A 213 0.21 -1.55 13.51
C ILE A 213 1.05 -2.71 14.05
N PRO A 214 1.07 -2.90 15.39
CA PRO A 214 1.74 -4.10 15.93
C PRO A 214 1.08 -5.37 15.40
N TRP A 215 1.88 -6.39 15.11
CA TRP A 215 1.37 -7.61 14.47
C TRP A 215 0.21 -8.24 15.20
N GLU A 216 0.30 -8.29 16.53
CA GLU A 216 -0.71 -8.94 17.36
C GLU A 216 -2.04 -8.18 17.47
N GLN A 217 -2.02 -6.87 17.20
CA GLN A 217 -3.23 -6.04 17.28
C GLN A 217 -4.11 -6.06 16.03
N GLU A 218 -3.79 -6.95 15.08
CA GLU A 218 -4.55 -7.05 13.83
C GLU A 218 -6.04 -7.41 13.99
N PRO A 219 -6.37 -8.44 14.82
CA PRO A 219 -7.78 -8.82 14.92
C PRO A 219 -8.68 -7.71 15.43
N GLU A 220 -8.18 -6.92 16.38
CA GLU A 220 -8.93 -5.77 16.91
C GLU A 220 -9.10 -4.70 15.85
N PHE A 221 -8.04 -4.48 15.05
CA PHE A 221 -8.07 -3.54 13.94
C PHE A 221 -9.09 -3.98 12.90
N SER A 222 -9.07 -5.28 12.57
CA SER A 222 -10.00 -5.85 11.61
C SER A 222 -11.45 -5.78 12.09
N GLN A 223 -11.66 -6.00 13.38
CA GLN A 223 -12.98 -5.91 14.02
C GLN A 223 -13.57 -4.53 13.90
N ASN A 224 -12.73 -3.51 14.13
CA ASN A 224 -13.14 -2.12 14.00
C ASN A 224 -13.49 -1.76 12.56
N VAL A 225 -12.79 -2.35 11.59
CA VAL A 225 -13.04 -2.11 10.17
C VAL A 225 -14.44 -2.61 9.75
N GLU A 226 -14.76 -3.85 10.13
CA GLU A 226 -16.07 -4.44 9.85
C GLU A 226 -17.22 -3.69 10.54
N ALA A 227 -16.97 -3.18 11.74
CA ALA A 227 -17.95 -2.38 12.48
C ALA A 227 -18.27 -1.07 11.75
N ILE A 228 -17.23 -0.42 11.22
CA ILE A 228 -17.38 0.78 10.40
C ILE A 228 -18.07 0.43 9.07
N ASP A 229 -17.66 -0.69 8.47
CA ASP A 229 -18.30 -1.21 7.26
C ASP A 229 -19.77 -1.53 7.51
N GLN A 230 -20.16 -1.60 8.78
CA GLN A 230 -21.55 -1.87 9.15
C GLN A 230 -22.31 -0.57 9.50
N GLN A 231 -21.57 0.47 9.88
CA GLN A 231 -22.16 1.80 10.10
C GLN A 231 -22.68 2.36 8.78
N PHE A 232 -21.83 2.36 7.76
CA PHE A 232 -22.22 2.73 6.40
C PHE A 232 -22.82 1.50 5.72
N GLY A 233 -23.92 1.70 4.99
CA GLY A 233 -24.62 0.60 4.34
C GLY A 233 -24.00 0.21 3.02
N ASP A 234 -24.83 0.11 1.99
CA ASP A 234 -24.40 -0.19 0.62
C ASP A 234 -23.78 1.06 -0.04
N ARG A 235 -23.79 2.18 0.68
CA ARG A 235 -23.24 3.46 0.21
C ARG A 235 -21.75 3.32 -0.16
N LEU A 236 -21.00 2.65 0.69
CA LEU A 236 -19.56 2.48 0.50
C LEU A 236 -19.17 1.04 0.22
N ARG A 237 -18.05 0.87 -0.49
CA ARG A 237 -17.47 -0.43 -0.77
C ARG A 237 -16.05 -0.42 -0.21
N ILE A 238 -15.88 -0.98 0.99
CA ILE A 238 -14.61 -0.93 1.70
C ILE A 238 -13.77 -2.19 1.51
N ARG A 239 -12.62 -2.03 0.86
CA ARG A 239 -11.68 -3.12 0.64
C ARG A 239 -10.53 -3.03 1.65
N TYR A 240 -10.52 -3.95 2.61
CA TYR A 240 -9.51 -4.00 3.67
C TYR A 240 -8.53 -5.15 3.44
N ASN A 241 -7.25 -4.82 3.45
CA ASN A 241 -6.20 -5.82 3.29
C ASN A 241 -5.36 -5.93 4.55
N ASN A 242 -5.37 -7.11 5.15
CA ASN A 242 -4.64 -7.40 6.36
C ASN A 242 -3.40 -8.23 6.19
N LEU A 243 -3.05 -8.56 4.97
CA LEU A 243 -1.78 -9.21 4.75
C LEU A 243 -1.15 -8.84 3.45
N THR A 244 0.01 -8.21 3.53
CA THR A 244 0.80 -7.79 2.42
C THR A 244 2.17 -7.53 2.94
N ALA A 245 3.15 -7.65 2.09
CA ALA A 245 4.49 -7.19 2.35
C ALA A 245 4.43 -5.67 2.59
N PRO A 246 5.21 -5.15 3.56
CA PRO A 246 5.11 -3.74 3.94
C PRO A 246 5.76 -2.76 2.93
N TYR A 247 5.28 -2.76 1.69
CA TYR A 247 5.83 -1.90 0.64
C TYR A 247 5.72 -0.41 0.94
N THR A 248 4.64 -0.02 1.60
CA THR A 248 4.38 1.40 1.89
C THR A 248 5.31 1.95 2.97
N PHE A 249 5.61 1.13 3.97
CA PHE A 249 6.39 1.58 5.12
C PHE A 249 7.86 1.18 5.07
N ALA A 250 8.15 0.05 4.44
CA ALA A 250 9.52 -0.45 4.39
C ALA A 250 10.30 0.22 3.28
N GLN A 251 10.58 1.51 3.46
CA GLN A 251 11.37 2.30 2.52
C GLN A 251 12.26 3.31 3.25
N LEU A 252 13.45 3.54 2.69
CA LEU A 252 14.44 4.44 3.28
C LEU A 252 14.08 5.90 3.07
#